data_6CHQ
#
_entry.id   6CHQ
#
_cell.length_a   134.189
_cell.length_b   134.189
_cell.length_c   134.189
_cell.angle_alpha   90.000
_cell.angle_beta   90.000
_cell.angle_gamma   90.000
#
_symmetry.space_group_name_H-M   'I 2 3'
#
loop_
_entity.id
_entity.type
_entity.pdbx_description
1 polymer 'Phosphopantetheine adenylyltransferase'
2 non-polymer 2-benzyl-7-[(3-chloro-4-methylphenyl)amino]-5-methyl-3H-[1,2,4]triazolo[1,5-a]pyrimidin-8-ium
3 non-polymer 'SULFATE ION'
4 non-polymer 'DIMETHYL SULFOXIDE'
5 non-polymer 'TETRAETHYLENE GLYCOL'
6 water water
#
_entity_poly.entity_id   1
_entity_poly.type   'polypeptide(L)'
_entity_poly.pdbx_seq_one_letter_code
;MQKRAIYPGTFDPITNGHIDIVTRATQMFDHVILAIAASPSKKPMFTLEERVALAQQATAHLGNVEVVGFSDLMANFARN
QHATVLIRGLRAVADFEYEMQLAHMNRHLMPELESVFLMPSKEWSFISSSLVKEVARHQGDVTHFLPENVHQALMAKLAV
D
;
_entity_poly.pdbx_strand_id   A,B
#
loop_
_chem_comp.id
_chem_comp.type
_chem_comp.name
_chem_comp.formula
DMS non-polymer 'DIMETHYL SULFOXIDE' 'C2 H6 O S'
F0V non-polymer 2-benzyl-7-[(3-chloro-4-methylphenyl)amino]-5-methyl-3H-[1,2,4]triazolo[1,5-a]pyrimidin-8-ium 'C20 H19 Cl N5 1'
PG4 non-polymer 'TETRAETHYLENE GLYCOL' 'C8 H18 O5'
SO4 non-polymer 'SULFATE ION' 'O4 S -2'
#
# COMPACT_ATOMS: atom_id res chain seq x y z
N MET A 1 12.02 11.59 -8.72
CA MET A 1 10.78 12.15 -8.16
C MET A 1 10.97 12.50 -6.69
N GLN A 2 10.54 13.73 -6.29
CA GLN A 2 10.63 14.23 -4.91
C GLN A 2 9.22 14.18 -4.30
N LYS A 3 8.85 13.00 -3.82
CA LYS A 3 7.50 12.75 -3.37
C LYS A 3 7.19 13.29 -1.99
N ARG A 4 6.01 13.87 -1.84
CA ARG A 4 5.53 14.30 -0.54
C ARG A 4 4.36 13.41 -0.20
N ALA A 5 4.45 12.77 0.97
CA ALA A 5 3.42 11.88 1.43
C ALA A 5 2.82 12.40 2.71
N ILE A 6 1.53 12.13 2.95
N ILE A 6 1.57 12.05 2.95
CA ILE A 6 0.89 12.46 4.24
CA ILE A 6 0.83 12.43 4.14
C ILE A 6 0.49 11.17 4.88
C ILE A 6 0.38 11.16 4.87
N TYR A 7 0.54 11.14 6.19
CA TYR A 7 0.17 9.99 7.01
C TYR A 7 -0.80 10.51 8.06
N PRO A 8 -2.09 10.54 7.73
CA PRO A 8 -3.07 11.15 8.65
C PRO A 8 -3.66 10.20 9.67
N GLY A 9 -4.14 10.77 10.76
CA GLY A 9 -4.74 9.97 11.80
C GLY A 9 -5.06 10.83 13.00
N THR A 10 -5.69 10.24 13.99
CA THR A 10 -5.98 10.99 15.21
C THR A 10 -4.76 10.87 16.13
N PHE A 11 -3.99 9.75 16.06
CA PHE A 11 -2.80 9.56 16.92
C PHE A 11 -3.07 9.92 18.37
N ASP A 12 -4.11 9.29 18.94
CA ASP A 12 -4.60 9.55 20.29
C ASP A 12 -4.50 8.32 21.22
N PRO A 13 -3.30 7.93 21.69
CA PRO A 13 -1.99 8.53 21.41
C PRO A 13 -1.28 7.81 20.26
N ILE A 14 -0.12 8.33 19.85
CA ILE A 14 0.67 7.68 18.82
C ILE A 14 1.23 6.39 19.46
N THR A 15 1.14 5.25 18.72
CA THR A 15 1.62 3.97 19.26
C THR A 15 2.86 3.51 18.47
N ASN A 16 3.47 2.41 18.90
CA ASN A 16 4.59 1.79 18.21
C ASN A 16 4.18 1.31 16.82
N GLY A 17 2.89 1.00 16.64
CA GLY A 17 2.38 0.64 15.31
C GLY A 17 2.42 1.83 14.37
N HIS A 18 2.08 3.02 14.86
CA HIS A 18 2.16 4.25 14.05
C HIS A 18 3.62 4.58 13.74
N ILE A 19 4.51 4.42 14.72
CA ILE A 19 5.94 4.72 14.51
C ILE A 19 6.49 3.78 13.45
N ASP A 20 6.11 2.52 13.51
CA ASP A 20 6.52 1.51 12.54
C ASP A 20 6.10 1.98 11.13
N ILE A 21 4.83 2.37 10.96
CA ILE A 21 4.34 2.78 9.65
C ILE A 21 5.03 4.02 9.13
N VAL A 22 5.15 5.03 10.00
CA VAL A 22 5.77 6.27 9.52
C VAL A 22 7.25 6.03 9.20
N THR A 23 7.91 5.13 9.92
CA THR A 23 9.32 4.84 9.64
C THR A 23 9.43 4.21 8.26
N ARG A 24 8.58 3.25 7.97
CA ARG A 24 8.56 2.59 6.65
C ARG A 24 8.31 3.65 5.58
N ALA A 25 7.34 4.57 5.83
CA ALA A 25 7.04 5.63 4.84
C ALA A 25 8.24 6.51 4.58
N THR A 26 9.03 6.86 5.63
CA THR A 26 10.23 7.73 5.44
C THR A 26 11.34 7.04 4.63
N GLN A 27 11.31 5.70 4.60
CA GLN A 27 12.30 4.97 3.83
C GLN A 27 11.89 4.93 2.35
N MET A 28 10.62 5.28 2.02
CA MET A 28 10.27 5.23 0.61
C MET A 28 9.94 6.57 -0.02
N PHE A 29 9.59 7.58 0.76
CA PHE A 29 9.26 8.91 0.20
C PHE A 29 10.19 9.95 0.78
N ASP A 30 10.44 11.02 0.01
N ASP A 30 10.45 11.01 -0.01
CA ASP A 30 11.37 12.08 0.41
CA ASP A 30 11.36 12.10 0.38
C ASP A 30 10.88 12.90 1.60
C ASP A 30 10.88 12.86 1.61
N HIS A 31 9.57 13.15 1.70
CA HIS A 31 9.04 13.92 2.82
C HIS A 31 7.74 13.34 3.24
N VAL A 32 7.59 13.09 4.56
CA VAL A 32 6.36 12.51 5.12
C VAL A 32 5.80 13.49 6.14
N ILE A 33 4.55 13.89 5.94
CA ILE A 33 3.86 14.74 6.89
C ILE A 33 3.01 13.81 7.77
N LEU A 34 3.29 13.76 9.09
CA LEU A 34 2.47 12.99 9.99
C LEU A 34 1.38 13.99 10.40
N ALA A 35 0.17 13.77 9.88
CA ALA A 35 -0.92 14.74 9.95
C ALA A 35 -1.89 14.35 11.00
N ILE A 36 -2.01 15.18 12.05
CA ILE A 36 -2.83 14.90 13.23
C ILE A 36 -4.13 15.63 13.16
N ALA A 37 -5.24 14.87 13.10
CA ALA A 37 -6.59 15.44 13.01
C ALA A 37 -7.00 16.12 14.32
N ALA A 38 -7.55 17.34 14.20
CA ALA A 38 -8.06 18.15 15.33
C ALA A 38 -9.19 17.42 16.05
N SER A 39 -9.91 16.55 15.32
CA SER A 39 -10.99 15.60 15.64
C SER A 39 -11.58 15.59 17.07
N PRO A 40 -12.40 16.60 17.46
CA PRO A 40 -13.09 16.52 18.76
C PRO A 40 -14.42 15.74 18.63
N SER A 41 -14.66 15.15 17.42
CA SER A 41 -15.83 14.36 16.99
C SER A 41 -16.12 13.19 17.93
N LYS A 42 -15.06 12.48 18.35
CA LYS A 42 -15.12 11.38 19.29
C LYS A 42 -14.08 11.73 20.36
N LYS A 43 -14.42 12.75 21.20
CA LYS A 43 -13.65 13.36 22.29
C LYS A 43 -12.32 12.63 22.61
N PRO A 44 -11.18 13.12 22.06
CA PRO A 44 -9.91 12.42 22.25
C PRO A 44 -9.34 12.50 23.67
N MET A 45 -8.67 11.42 24.15
CA MET A 45 -8.02 11.34 25.47
C MET A 45 -6.98 12.44 25.63
N PHE A 46 -6.15 12.66 24.60
CA PHE A 46 -5.16 13.73 24.59
C PHE A 46 -5.67 14.83 23.71
N THR A 47 -5.37 16.07 24.09
CA THR A 47 -5.76 17.22 23.27
C THR A 47 -4.85 17.25 22.05
N LEU A 48 -5.20 18.07 21.06
CA LEU A 48 -4.37 18.22 19.87
C LEU A 48 -2.93 18.65 20.19
N GLU A 49 -2.77 19.63 21.09
CA GLU A 49 -1.42 20.12 21.48
C GLU A 49 -0.57 18.97 22.08
N GLU A 50 -1.18 18.16 22.95
CA GLU A 50 -0.54 16.98 23.55
C GLU A 50 -0.19 15.98 22.47
N ARG A 51 -1.15 15.69 21.56
CA ARG A 51 -0.93 14.70 20.49
C ARG A 51 0.23 15.08 19.57
N VAL A 52 0.33 16.38 19.23
CA VAL A 52 1.40 16.88 18.36
C VAL A 52 2.77 16.80 19.03
N ALA A 53 2.88 17.26 20.28
CA ALA A 53 4.15 17.22 21.01
C ALA A 53 4.62 15.78 21.18
N LEU A 54 3.69 14.88 21.52
CA LEU A 54 4.09 13.47 21.69
C LEU A 54 4.61 12.87 20.39
N ALA A 55 3.91 13.15 19.27
CA ALA A 55 4.31 12.61 17.97
C ALA A 55 5.63 13.21 17.50
N GLN A 56 5.89 14.51 17.80
CA GLN A 56 7.17 15.13 17.46
C GLN A 56 8.34 14.49 18.19
N GLN A 57 8.21 14.31 19.52
CA GLN A 57 9.25 13.67 20.31
C GLN A 57 9.49 12.24 19.84
N ALA A 58 8.40 11.51 19.56
CA ALA A 58 8.48 10.11 19.15
C ALA A 58 9.02 9.89 17.74
N THR A 59 9.07 10.94 16.88
CA THR A 59 9.56 10.83 15.50
C THR A 59 10.75 11.77 15.26
N ALA A 60 11.24 12.44 16.33
CA ALA A 60 12.35 13.39 16.27
C ALA A 60 13.61 12.79 15.62
N HIS A 61 13.80 11.47 15.73
CA HIS A 61 14.93 10.73 15.17
C HIS A 61 14.80 10.53 13.63
N LEU A 62 13.61 10.85 13.07
CA LEU A 62 13.36 10.72 11.63
C LEU A 62 13.46 12.10 10.99
N GLY A 63 14.54 12.30 10.24
CA GLY A 63 14.84 13.58 9.64
C GLY A 63 13.86 14.10 8.60
N ASN A 64 13.10 13.21 7.93
CA ASN A 64 12.21 13.67 6.88
C ASN A 64 10.73 13.59 7.25
N VAL A 65 10.45 13.66 8.54
CA VAL A 65 9.05 13.66 9.03
C VAL A 65 8.79 15.05 9.56
N GLU A 66 7.60 15.56 9.29
CA GLU A 66 7.10 16.86 9.75
C GLU A 66 5.75 16.55 10.43
N VAL A 67 5.57 16.90 11.72
CA VAL A 67 4.28 16.63 12.37
C VAL A 67 3.46 17.91 12.30
N VAL A 68 2.21 17.82 11.77
N VAL A 68 2.22 17.82 11.86
CA VAL A 68 1.31 18.98 11.53
CA VAL A 68 1.35 18.98 11.79
C VAL A 68 -0.14 18.64 11.93
C VAL A 68 -0.05 18.57 12.21
N GLY A 69 -0.81 19.54 12.66
CA GLY A 69 -2.21 19.36 13.01
C GLY A 69 -3.05 19.84 11.83
N PHE A 70 -4.26 19.27 11.65
CA PHE A 70 -5.15 19.75 10.58
C PHE A 70 -6.58 19.55 11.01
N SER A 71 -7.48 20.41 10.55
CA SER A 71 -8.88 20.32 10.98
C SER A 71 -9.81 20.12 9.81
N ASP A 72 -9.26 20.06 8.60
CA ASP A 72 -10.12 19.88 7.43
C ASP A 72 -10.23 18.40 7.05
N LEU A 73 -10.95 18.09 5.96
CA LEU A 73 -11.00 16.74 5.41
C LEU A 73 -9.56 16.45 5.08
N MET A 74 -9.11 15.15 5.23
N MET A 74 -9.16 15.26 5.33
CA MET A 74 -7.73 14.68 4.96
CA MET A 74 -7.81 14.90 5.04
C MET A 74 -7.30 14.93 3.49
C MET A 74 -7.42 15.27 3.57
N ALA A 75 -8.26 14.92 2.57
CA ALA A 75 -7.98 15.23 1.16
C ALA A 75 -7.74 16.74 0.95
N ASN A 76 -8.53 17.61 1.61
CA ASN A 76 -8.38 19.08 1.50
C ASN A 76 -6.99 19.48 2.03
N PHE A 77 -6.60 18.88 3.18
CA PHE A 77 -5.27 19.11 3.75
C PHE A 77 -4.13 18.56 2.84
N ALA A 78 -4.26 17.32 2.30
CA ALA A 78 -3.26 16.74 1.41
C ALA A 78 -3.07 17.66 0.19
N ARG A 79 -4.19 18.17 -0.37
CA ARG A 79 -4.11 19.08 -1.51
C ARG A 79 -3.30 20.32 -1.16
N ASN A 80 -3.65 20.98 -0.05
CA ASN A 80 -2.96 22.21 0.39
C ASN A 80 -1.49 21.97 0.71
N GLN A 81 -1.14 20.74 1.12
CA GLN A 81 0.23 20.38 1.42
C GLN A 81 1.00 19.90 0.19
N HIS A 82 0.34 19.83 -0.99
CA HIS A 82 0.99 19.34 -2.21
C HIS A 82 1.48 17.90 -2.02
N ALA A 83 0.72 17.10 -1.28
CA ALA A 83 1.08 15.71 -1.12
C ALA A 83 0.46 14.94 -2.27
N THR A 84 1.13 13.90 -2.79
CA THR A 84 0.57 13.08 -3.87
C THR A 84 0.43 11.63 -3.40
N VAL A 85 0.85 11.37 -2.17
CA VAL A 85 0.75 10.05 -1.59
C VAL A 85 0.07 10.15 -0.23
N LEU A 86 -0.94 9.30 0.03
N LEU A 86 -0.88 9.25 -0.01
CA LEU A 86 -1.60 9.27 1.35
CA LEU A 86 -1.61 9.15 1.24
C LEU A 86 -1.39 7.87 1.94
C LEU A 86 -1.24 7.79 1.84
N ILE A 87 -0.59 7.81 3.01
CA ILE A 87 -0.19 6.56 3.68
C ILE A 87 -1.32 6.07 4.55
N ARG A 88 -1.65 4.79 4.42
CA ARG A 88 -2.61 4.14 5.32
C ARG A 88 -1.94 2.91 5.85
N GLY A 89 -2.05 2.69 7.16
CA GLY A 89 -1.52 1.48 7.78
C GLY A 89 -2.56 0.39 7.63
N LEU A 90 -2.13 -0.80 7.23
CA LEU A 90 -3.03 -1.94 7.12
C LEU A 90 -2.61 -3.03 8.09
N ARG A 91 -3.28 -3.08 9.23
CA ARG A 91 -3.01 -4.11 10.23
C ARG A 91 -3.81 -5.37 9.87
N ALA A 92 -3.46 -6.51 10.45
CA ALA A 92 -4.20 -7.76 10.23
C ALA A 92 -5.63 -7.62 10.78
N VAL A 93 -5.84 -6.61 11.62
CA VAL A 93 -7.13 -6.37 12.28
C VAL A 93 -7.84 -5.11 11.75
N ALA A 94 -7.36 -4.55 10.64
CA ALA A 94 -7.96 -3.36 10.05
C ALA A 94 -9.32 -3.69 9.42
N ASP A 95 -10.18 -2.66 9.31
CA ASP A 95 -11.49 -2.82 8.69
C ASP A 95 -11.20 -2.53 7.23
N PHE A 96 -10.95 -3.59 6.44
CA PHE A 96 -10.57 -3.43 5.05
C PHE A 96 -11.64 -2.73 4.22
N GLU A 97 -12.92 -3.03 4.51
CA GLU A 97 -14.06 -2.43 3.85
C GLU A 97 -14.05 -0.93 4.06
N TYR A 98 -13.75 -0.48 5.29
CA TYR A 98 -13.68 0.96 5.60
C TYR A 98 -12.54 1.57 4.78
N GLU A 99 -11.37 0.89 4.74
CA GLU A 99 -10.23 1.39 3.99
C GLU A 99 -10.54 1.53 2.51
N MET A 100 -11.32 0.59 1.96
CA MET A 100 -11.76 0.66 0.58
C MET A 100 -12.66 1.88 0.38
N GLN A 101 -13.63 2.10 1.28
CA GLN A 101 -14.54 3.26 1.16
C GLN A 101 -13.73 4.52 1.16
N LEU A 102 -12.84 4.64 2.17
CA LEU A 102 -12.03 5.82 2.37
C LEU A 102 -11.17 6.13 1.16
N ALA A 103 -10.48 5.10 0.63
CA ALA A 103 -9.62 5.29 -0.51
C ALA A 103 -10.37 5.68 -1.77
N HIS A 104 -11.55 5.07 -2.02
CA HIS A 104 -12.29 5.45 -3.20
C HIS A 104 -12.86 6.86 -3.06
N MET A 105 -13.23 7.24 -1.82
CA MET A 105 -13.73 8.61 -1.59
C MET A 105 -12.59 9.63 -1.73
N ASN A 106 -11.41 9.35 -1.14
CA ASN A 106 -10.25 10.23 -1.28
C ASN A 106 -9.87 10.40 -2.78
N ARG A 107 -10.00 9.32 -3.56
CA ARG A 107 -9.69 9.37 -4.99
C ARG A 107 -10.70 10.25 -5.75
N HIS A 108 -11.95 10.22 -5.37
CA HIS A 108 -12.96 11.08 -5.96
C HIS A 108 -12.63 12.55 -5.60
N LEU A 109 -12.30 12.81 -4.33
CA LEU A 109 -12.07 14.19 -3.87
C LEU A 109 -10.77 14.75 -4.43
N MET A 110 -9.74 13.91 -4.51
CA MET A 110 -8.43 14.36 -4.98
C MET A 110 -7.81 13.22 -5.81
N PRO A 111 -8.08 13.18 -7.12
CA PRO A 111 -7.57 12.07 -7.96
C PRO A 111 -6.05 11.99 -8.03
N GLU A 112 -5.38 13.14 -7.88
CA GLU A 112 -3.90 13.21 -7.93
C GLU A 112 -3.22 12.69 -6.65
N LEU A 113 -4.02 12.29 -5.65
CA LEU A 113 -3.50 11.74 -4.40
C LEU A 113 -3.64 10.22 -4.46
N GLU A 114 -2.53 9.51 -4.33
CA GLU A 114 -2.61 8.07 -4.38
C GLU A 114 -2.57 7.45 -2.98
N SER A 115 -3.56 6.62 -2.66
CA SER A 115 -3.53 5.91 -1.37
C SER A 115 -2.56 4.75 -1.45
N VAL A 116 -1.71 4.65 -0.47
N VAL A 116 -1.66 4.66 -0.47
CA VAL A 116 -0.79 3.54 -0.39
CA VAL A 116 -0.60 3.63 -0.37
C VAL A 116 -1.02 2.88 0.94
C VAL A 116 -0.77 2.91 0.97
N PHE A 117 -1.03 1.57 0.92
CA PHE A 117 -1.23 0.81 2.15
C PHE A 117 0.09 0.15 2.49
N LEU A 118 0.54 0.40 3.72
CA LEU A 118 1.75 -0.19 4.25
C LEU A 118 1.35 -1.14 5.36
N MET A 119 2.15 -2.19 5.55
N MET A 119 2.13 -2.19 5.54
CA MET A 119 1.88 -3.17 6.58
CA MET A 119 1.83 -3.19 6.56
C MET A 119 2.81 -3.02 7.76
C MET A 119 2.80 -3.07 7.75
N PRO A 120 2.31 -2.96 9.02
CA PRO A 120 3.22 -2.86 10.15
C PRO A 120 3.86 -4.21 10.45
N SER A 121 4.86 -4.21 11.33
CA SER A 121 5.48 -5.43 11.82
C SER A 121 4.36 -6.33 12.37
N LYS A 122 4.58 -7.64 12.37
CA LYS A 122 3.60 -8.55 12.97
C LYS A 122 3.37 -8.15 14.44
N GLU A 123 4.41 -7.57 15.08
CA GLU A 123 4.37 -7.16 16.49
C GLU A 123 3.20 -6.20 16.81
N TRP A 124 2.87 -5.32 15.86
CA TRP A 124 1.85 -4.29 16.03
C TRP A 124 0.63 -4.54 15.16
N SER A 125 0.53 -5.72 14.53
CA SER A 125 -0.57 -5.99 13.60
C SER A 125 -1.90 -6.29 14.23
N PHE A 126 -1.95 -6.44 15.55
CA PHE A 126 -3.19 -6.86 16.22
C PHE A 126 -3.64 -5.86 17.26
N ILE A 127 -3.09 -4.63 17.21
CA ILE A 127 -3.43 -3.54 18.14
C ILE A 127 -4.13 -2.40 17.43
N SER A 128 -4.64 -1.45 18.22
CA SER A 128 -5.25 -0.22 17.77
C SER A 128 -5.11 0.78 18.91
N SER A 129 -5.13 2.10 18.62
CA SER A 129 -5.07 3.12 19.66
C SER A 129 -6.26 2.95 20.61
N SER A 130 -7.43 2.59 20.06
CA SER A 130 -8.65 2.36 20.82
C SER A 130 -8.46 1.25 21.83
N LEU A 131 -7.94 0.10 21.37
CA LEU A 131 -7.69 -1.02 22.25
C LEU A 131 -6.67 -0.62 23.32
N VAL A 132 -5.57 0.03 22.90
CA VAL A 132 -4.53 0.44 23.85
C VAL A 132 -5.14 1.35 24.94
N LYS A 133 -5.93 2.37 24.53
CA LYS A 133 -6.56 3.29 25.49
C LYS A 133 -7.46 2.55 26.46
N GLU A 134 -8.33 1.66 25.96
CA GLU A 134 -9.27 0.94 26.81
C GLU A 134 -8.56 0.06 27.81
N VAL A 135 -7.48 -0.62 27.38
CA VAL A 135 -6.69 -1.46 28.28
C VAL A 135 -6.06 -0.60 29.37
N ALA A 136 -5.42 0.51 28.97
CA ALA A 136 -4.75 1.41 29.91
C ALA A 136 -5.74 2.03 30.90
N ARG A 137 -6.92 2.44 30.40
CA ARG A 137 -7.98 3.01 31.25
C ARG A 137 -8.52 2.01 32.27
N HIS A 138 -8.44 0.73 31.93
CA HIS A 138 -8.95 -0.34 32.78
C HIS A 138 -7.82 -1.10 33.49
N GLN A 139 -6.68 -0.39 33.76
CA GLN A 139 -5.55 -0.85 34.56
C GLN A 139 -4.75 -2.05 33.99
N GLY A 140 -4.58 -2.05 32.68
CA GLY A 140 -3.79 -3.06 31.99
C GLY A 140 -2.48 -2.46 31.51
N ASP A 141 -1.46 -3.31 31.39
CA ASP A 141 -0.14 -2.88 30.99
C ASP A 141 -0.02 -2.68 29.48
N VAL A 142 0.24 -1.45 29.04
CA VAL A 142 0.38 -1.13 27.62
C VAL A 142 1.78 -0.61 27.31
N THR A 143 2.72 -0.69 28.27
CA THR A 143 4.10 -0.20 28.07
C THR A 143 4.70 -0.66 26.74
N HIS A 144 4.51 -1.94 26.39
CA HIS A 144 5.10 -2.52 25.19
C HIS A 144 4.67 -1.85 23.89
N PHE A 145 3.48 -1.27 23.89
CA PHE A 145 2.87 -0.73 22.65
C PHE A 145 3.17 0.72 22.38
N LEU A 146 3.80 1.40 23.34
CA LEU A 146 3.96 2.85 23.20
C LEU A 146 5.39 3.31 23.27
N PRO A 147 5.70 4.45 22.60
CA PRO A 147 7.01 5.09 22.84
C PRO A 147 7.07 5.52 24.31
N GLU A 148 8.26 5.55 24.87
CA GLU A 148 8.46 5.88 26.28
C GLU A 148 7.82 7.22 26.69
N ASN A 149 7.90 8.26 25.84
CA ASN A 149 7.34 9.59 26.18
C ASN A 149 5.82 9.51 26.26
N VAL A 150 5.23 8.69 25.37
CA VAL A 150 3.80 8.49 25.31
C VAL A 150 3.32 7.75 26.54
N HIS A 151 4.04 6.67 26.91
CA HIS A 151 3.73 5.91 28.11
C HIS A 151 3.74 6.80 29.37
N GLN A 152 4.76 7.64 29.50
CA GLN A 152 4.85 8.60 30.62
C GLN A 152 3.65 9.59 30.62
N ALA A 153 3.30 10.15 29.44
CA ALA A 153 2.17 11.08 29.34
C ALA A 153 0.83 10.38 29.59
N LEU A 154 0.69 9.11 29.14
CA LEU A 154 -0.54 8.35 29.35
C LEU A 154 -0.75 8.05 30.83
N MET A 155 0.33 7.65 31.53
CA MET A 155 0.22 7.40 32.98
C MET A 155 -0.22 8.67 33.71
N ALA A 156 0.35 9.82 33.32
CA ALA A 156 0.00 11.12 33.89
C ALA A 156 -1.48 11.45 33.65
N LYS A 157 -1.99 11.19 32.43
CA LYS A 157 -3.39 11.47 32.07
C LYS A 157 -4.34 10.56 32.86
N LEU A 158 -4.02 9.27 33.00
CA LEU A 158 -4.86 8.34 33.74
C LEU A 158 -4.84 8.57 35.25
N ALA A 159 -3.75 9.13 35.78
CA ALA A 159 -3.63 9.41 37.21
C ALA A 159 -4.67 10.44 37.69
N VAL A 160 -4.99 11.43 36.85
CA VAL A 160 -5.98 12.47 37.18
C VAL A 160 -7.40 11.93 36.95
N GLN B 2 17.28 7.34 -7.15
CA GLN B 2 16.34 6.64 -8.02
C GLN B 2 15.59 5.51 -7.25
N LYS B 3 14.27 5.64 -7.07
CA LYS B 3 13.48 4.65 -6.36
C LYS B 3 12.98 3.59 -7.36
N ARG B 4 13.29 2.30 -7.11
CA ARG B 4 12.90 1.19 -7.99
C ARG B 4 11.87 0.28 -7.33
N ALA B 5 10.72 0.10 -7.98
CA ALA B 5 9.64 -0.72 -7.45
C ALA B 5 9.42 -1.92 -8.36
N ILE B 6 9.06 -3.05 -7.77
CA ILE B 6 8.76 -4.25 -8.55
C ILE B 6 7.27 -4.57 -8.37
N TYR B 7 6.62 -4.93 -9.47
CA TYR B 7 5.21 -5.28 -9.45
C TYR B 7 5.14 -6.71 -9.99
N PRO B 8 5.22 -7.70 -9.10
CA PRO B 8 5.28 -9.08 -9.56
C PRO B 8 3.92 -9.73 -9.64
N GLY B 9 3.82 -10.76 -10.46
CA GLY B 9 2.55 -11.45 -10.60
C GLY B 9 2.64 -12.51 -11.68
N THR B 10 1.58 -13.27 -11.86
CA THR B 10 1.57 -14.29 -12.91
C THR B 10 1.18 -13.65 -14.24
N PHE B 11 0.28 -12.63 -14.20
CA PHE B 11 -0.13 -11.87 -15.40
C PHE B 11 -0.47 -12.78 -16.56
N ASP B 12 -1.42 -13.70 -16.30
CA ASP B 12 -1.83 -14.74 -17.24
C ASP B 12 -3.29 -14.63 -17.68
N PRO B 13 -3.65 -13.67 -18.54
CA PRO B 13 -2.82 -12.61 -19.10
C PRO B 13 -2.95 -11.33 -18.28
N ILE B 14 -2.13 -10.34 -18.62
CA ILE B 14 -2.23 -9.02 -17.98
C ILE B 14 -3.59 -8.39 -18.37
N THR B 15 -4.30 -7.80 -17.38
CA THR B 15 -5.61 -7.19 -17.64
C THR B 15 -5.53 -5.70 -17.48
N ASN B 16 -6.65 -4.99 -17.74
CA ASN B 16 -6.73 -3.56 -17.50
C ASN B 16 -6.56 -3.24 -16.02
N GLY B 17 -6.92 -4.17 -15.12
CA GLY B 17 -6.71 -3.98 -13.68
C GLY B 17 -5.23 -3.93 -13.38
N HIS B 18 -4.44 -4.79 -14.04
CA HIS B 18 -2.98 -4.76 -13.87
C HIS B 18 -2.38 -3.50 -14.46
N ILE B 19 -2.89 -3.06 -15.63
CA ILE B 19 -2.43 -1.83 -16.26
C ILE B 19 -2.70 -0.65 -15.34
N ASP B 20 -3.90 -0.63 -14.73
CA ASP B 20 -4.24 0.41 -13.77
C ASP B 20 -3.20 0.47 -12.64
N ILE B 21 -2.89 -0.69 -12.01
CA ILE B 21 -1.94 -0.71 -10.91
C ILE B 21 -0.54 -0.25 -11.32
N VAL B 22 -0.04 -0.79 -12.43
CA VAL B 22 1.31 -0.42 -12.88
C VAL B 22 1.35 1.06 -13.24
N THR B 23 0.27 1.61 -13.83
CA THR B 23 0.24 3.04 -14.18
C THR B 23 0.33 3.86 -12.86
N ARG B 24 -0.43 3.49 -11.82
CA ARG B 24 -0.35 4.20 -10.52
C ARG B 24 1.07 4.11 -9.95
N ALA B 25 1.70 2.95 -10.07
CA ALA B 25 3.06 2.74 -9.58
C ALA B 25 4.07 3.66 -10.29
N THR B 26 3.95 3.86 -11.62
CA THR B 26 4.88 4.72 -12.40
C THR B 26 4.72 6.18 -12.07
N GLN B 27 3.56 6.56 -11.48
CA GLN B 27 3.35 7.94 -11.11
C GLN B 27 3.97 8.24 -9.75
N MET B 28 4.33 7.17 -9.01
CA MET B 28 4.86 7.26 -7.66
C MET B 28 6.34 6.96 -7.58
N PHE B 29 6.84 6.05 -8.42
CA PHE B 29 8.26 5.62 -8.37
C PHE B 29 8.97 5.86 -9.69
N ASP B 30 10.27 6.11 -9.62
CA ASP B 30 11.10 6.44 -10.78
C ASP B 30 11.15 5.33 -11.80
N HIS B 31 11.27 4.08 -11.33
CA HIS B 31 11.37 2.95 -12.23
C HIS B 31 10.53 1.83 -11.68
N VAL B 32 9.72 1.21 -12.55
CA VAL B 32 8.90 0.09 -12.15
C VAL B 32 9.27 -1.14 -13.00
N ILE B 33 9.58 -2.23 -12.33
CA ILE B 33 9.84 -3.52 -12.99
C ILE B 33 8.55 -4.34 -12.92
N LEU B 34 7.90 -4.59 -14.06
CA LEU B 34 6.72 -5.43 -14.05
C LEU B 34 7.32 -6.84 -14.20
N ALA B 35 7.20 -7.66 -13.15
CA ALA B 35 7.91 -8.92 -13.06
C ALA B 35 6.97 -10.07 -13.18
N ILE B 36 7.12 -10.82 -14.25
CA ILE B 36 6.20 -11.92 -14.51
C ILE B 36 6.78 -13.22 -14.03
N ALA B 37 6.13 -13.83 -13.05
CA ALA B 37 6.55 -15.12 -12.50
C ALA B 37 6.17 -16.22 -13.46
N ALA B 38 7.09 -17.16 -13.68
CA ALA B 38 6.82 -18.32 -14.57
C ALA B 38 5.59 -19.09 -14.07
N SER B 39 5.45 -19.27 -12.74
CA SER B 39 4.31 -19.93 -12.08
C SER B 39 3.87 -21.30 -12.70
N PRO B 40 4.77 -22.28 -12.97
CA PRO B 40 4.29 -23.55 -13.55
C PRO B 40 3.24 -24.30 -12.73
N SER B 41 3.23 -24.14 -11.38
CA SER B 41 2.24 -24.83 -10.52
C SER B 41 0.81 -24.37 -10.81
N LYS B 42 0.66 -23.15 -11.37
CA LYS B 42 -0.63 -22.57 -11.72
C LYS B 42 -1.10 -23.03 -13.08
N LYS B 43 -0.24 -23.77 -13.84
CA LYS B 43 -0.51 -24.26 -15.20
C LYS B 43 -1.06 -23.09 -16.06
N PRO B 44 -0.23 -22.04 -16.27
CA PRO B 44 -0.73 -20.85 -16.99
C PRO B 44 -1.12 -21.11 -18.43
N MET B 45 -2.14 -20.37 -18.91
CA MET B 45 -2.66 -20.49 -20.26
C MET B 45 -1.62 -20.04 -21.27
N PHE B 46 -0.87 -18.97 -20.95
CA PHE B 46 0.18 -18.42 -21.80
C PHE B 46 1.55 -18.78 -21.29
N THR B 47 2.50 -19.03 -22.18
CA THR B 47 3.87 -19.31 -21.74
C THR B 47 4.46 -18.03 -21.14
N LEU B 48 5.55 -18.18 -20.38
CA LEU B 48 6.20 -17.01 -19.80
C LEU B 48 6.61 -16.01 -20.91
N GLU B 49 7.17 -16.54 -22.03
CA GLU B 49 7.62 -15.74 -23.17
C GLU B 49 6.44 -14.95 -23.76
N GLU B 50 5.28 -15.60 -23.90
CA GLU B 50 4.07 -14.94 -24.39
C GLU B 50 3.62 -13.87 -23.41
N ARG B 51 3.62 -14.17 -22.09
CA ARG B 51 3.16 -13.21 -21.08
C ARG B 51 4.04 -11.98 -21.04
N VAL B 52 5.36 -12.16 -21.19
CA VAL B 52 6.30 -11.05 -21.22
C VAL B 52 6.01 -10.17 -22.46
N ALA B 53 5.88 -10.79 -23.64
CA ALA B 53 5.62 -10.08 -24.91
C ALA B 53 4.31 -9.29 -24.80
N LEU B 54 3.27 -9.91 -24.24
CA LEU B 54 1.97 -9.24 -24.09
C LEU B 54 2.06 -8.03 -23.17
N ALA B 55 2.74 -8.19 -22.03
CA ALA B 55 2.87 -7.09 -21.06
C ALA B 55 3.78 -6.00 -21.62
N GLN B 56 4.86 -6.35 -22.37
CA GLN B 56 5.72 -5.31 -22.94
C GLN B 56 4.90 -4.42 -23.88
N GLN B 57 4.08 -5.03 -24.75
CA GLN B 57 3.26 -4.24 -25.67
C GLN B 57 2.19 -3.44 -24.93
N ALA B 58 1.57 -4.05 -23.91
CA ALA B 58 0.49 -3.42 -23.12
C ALA B 58 0.98 -2.24 -22.28
N THR B 59 2.30 -2.18 -22.02
CA THR B 59 2.89 -1.12 -21.19
C THR B 59 3.87 -0.23 -21.94
N ALA B 60 3.97 -0.40 -23.27
CA ALA B 60 4.92 0.35 -24.13
C ALA B 60 4.77 1.87 -24.02
N HIS B 61 3.55 2.35 -23.70
CA HIS B 61 3.23 3.77 -23.54
C HIS B 61 3.78 4.37 -22.24
N LEU B 62 4.21 3.52 -21.29
CA LEU B 62 4.76 3.95 -20.02
C LEU B 62 6.26 3.86 -20.12
N GLY B 63 6.91 5.00 -20.14
CA GLY B 63 8.34 5.12 -20.31
C GLY B 63 9.21 4.54 -19.22
N ASN B 64 8.71 4.50 -17.97
CA ASN B 64 9.54 4.04 -16.84
C ASN B 64 9.16 2.64 -16.35
N VAL B 65 8.59 1.82 -17.24
CA VAL B 65 8.26 0.42 -16.92
C VAL B 65 9.23 -0.48 -17.68
N GLU B 66 9.69 -1.54 -17.03
CA GLU B 66 10.57 -2.53 -17.63
C GLU B 66 9.90 -3.88 -17.35
N VAL B 67 9.60 -4.67 -18.39
CA VAL B 67 8.94 -5.97 -18.18
C VAL B 67 9.99 -7.06 -18.19
N VAL B 68 10.01 -7.91 -17.13
N VAL B 68 9.92 -7.95 -17.23
CA VAL B 68 11.00 -9.01 -16.99
CA VAL B 68 10.87 -9.07 -17.19
C VAL B 68 10.34 -10.30 -16.46
C VAL B 68 10.15 -10.30 -16.68
N GLY B 69 10.66 -11.45 -17.05
CA GLY B 69 10.15 -12.73 -16.56
C GLY B 69 11.09 -13.23 -15.48
N PHE B 70 10.60 -14.10 -14.56
CA PHE B 70 11.49 -14.69 -13.56
C PHE B 70 10.93 -16.01 -13.03
N SER B 71 11.82 -16.90 -12.61
N SER B 71 11.85 -16.92 -12.68
CA SER B 71 11.39 -18.17 -12.03
CA SER B 71 11.55 -18.24 -12.11
C SER B 71 11.96 -18.27 -10.61
C SER B 71 12.09 -18.34 -10.69
N ASP B 72 12.73 -17.26 -10.19
CA ASP B 72 13.35 -17.22 -8.88
C ASP B 72 12.36 -17.00 -7.77
N LEU B 73 12.86 -17.08 -6.56
CA LEU B 73 12.13 -16.68 -5.38
C LEU B 73 11.92 -15.20 -5.60
N MET B 74 10.72 -14.76 -5.35
N MET B 74 10.69 -14.73 -5.40
CA MET B 74 10.32 -13.38 -5.51
CA MET B 74 10.39 -13.31 -5.63
C MET B 74 11.24 -12.35 -4.81
C MET B 74 11.36 -12.37 -4.86
N ALA B 75 11.60 -12.61 -3.55
CA ALA B 75 12.49 -11.75 -2.77
C ALA B 75 13.90 -11.68 -3.35
N ASN B 76 14.42 -12.80 -3.85
CA ASN B 76 15.75 -12.80 -4.46
C ASN B 76 15.69 -12.00 -5.74
N PHE B 77 14.65 -12.18 -6.54
CA PHE B 77 14.55 -11.43 -7.78
C PHE B 77 14.46 -9.90 -7.51
N ALA B 78 13.68 -9.49 -6.49
CA ALA B 78 13.58 -8.06 -6.09
C ALA B 78 14.96 -7.52 -5.67
N ARG B 79 15.70 -8.29 -4.84
N ARG B 79 15.72 -8.30 -4.86
CA ARG B 79 17.06 -7.87 -4.44
CA ARG B 79 17.06 -7.90 -4.41
C ARG B 79 17.94 -7.69 -5.66
C ARG B 79 18.02 -7.78 -5.60
N ASN B 80 17.87 -8.66 -6.59
CA ASN B 80 18.73 -8.69 -7.78
C ASN B 80 18.37 -7.61 -8.77
N GLN B 81 17.13 -7.08 -8.68
CA GLN B 81 16.69 -5.94 -9.50
C GLN B 81 16.92 -4.61 -8.77
N HIS B 82 17.51 -4.66 -7.56
CA HIS B 82 17.73 -3.48 -6.71
C HIS B 82 16.42 -2.75 -6.39
N ALA B 83 15.34 -3.51 -6.17
CA ALA B 83 14.04 -2.89 -5.88
C ALA B 83 13.94 -2.76 -4.38
N THR B 84 13.29 -1.70 -3.88
CA THR B 84 13.09 -1.53 -2.43
C THR B 84 11.60 -1.40 -2.13
N VAL B 85 10.78 -1.46 -3.19
CA VAL B 85 9.32 -1.40 -3.04
C VAL B 85 8.74 -2.55 -3.81
N LEU B 86 7.78 -3.24 -3.20
CA LEU B 86 7.07 -4.34 -3.83
C LEU B 86 5.60 -3.95 -3.93
N ILE B 87 5.10 -3.74 -5.14
CA ILE B 87 3.73 -3.30 -5.38
C ILE B 87 2.80 -4.50 -5.55
N ARG B 88 1.61 -4.46 -4.94
CA ARG B 88 0.56 -5.44 -5.17
C ARG B 88 -0.76 -4.69 -5.18
N GLY B 89 -1.69 -5.14 -5.98
CA GLY B 89 -3.01 -4.52 -6.03
C GLY B 89 -3.89 -5.14 -4.97
N LEU B 90 -4.82 -4.39 -4.41
CA LEU B 90 -5.77 -4.95 -3.46
C LEU B 90 -7.14 -4.59 -3.94
N ARG B 91 -7.96 -5.58 -4.38
CA ARG B 91 -9.33 -5.32 -4.86
C ARG B 91 -10.38 -5.65 -3.80
N ALA B 92 -10.11 -6.67 -2.95
CA ALA B 92 -11.06 -7.15 -1.95
C ALA B 92 -10.40 -7.80 -0.72
N VAL B 93 -11.21 -8.11 0.33
CA VAL B 93 -10.79 -8.71 1.60
C VAL B 93 -10.07 -10.05 1.41
N ALA B 94 -10.63 -10.94 0.54
CA ALA B 94 -10.08 -12.24 0.19
C ALA B 94 -8.66 -12.11 -0.37
N ASP B 95 -8.38 -11.03 -1.14
CA ASP B 95 -7.03 -10.76 -1.65
C ASP B 95 -6.13 -10.45 -0.44
N PHE B 96 -6.54 -9.42 0.34
CA PHE B 96 -5.88 -8.85 1.52
C PHE B 96 -5.28 -9.90 2.46
N GLU B 97 -6.04 -10.95 2.85
CA GLU B 97 -5.51 -11.97 3.77
C GLU B 97 -4.33 -12.76 3.19
N TYR B 98 -4.46 -13.27 1.96
CA TYR B 98 -3.36 -13.99 1.30
C TYR B 98 -2.20 -13.02 0.97
N GLU B 99 -2.53 -11.74 0.64
CA GLU B 99 -1.50 -10.72 0.36
C GLU B 99 -0.65 -10.45 1.59
N MET B 100 -1.27 -10.46 2.78
N MET B 100 -1.28 -10.48 2.78
CA MET B 100 -0.55 -10.25 4.04
CA MET B 100 -0.58 -10.29 4.06
C MET B 100 0.47 -11.37 4.26
C MET B 100 0.44 -11.37 4.33
N GLN B 101 0.11 -12.65 3.99
CA GLN B 101 1.03 -13.78 4.19
C GLN B 101 2.28 -13.62 3.31
N LEU B 102 2.05 -13.29 2.03
CA LEU B 102 3.15 -13.14 1.09
C LEU B 102 4.01 -11.99 1.52
N ALA B 103 3.39 -10.85 1.93
CA ALA B 103 4.15 -9.68 2.32
C ALA B 103 4.96 -9.96 3.58
N HIS B 104 4.39 -10.68 4.58
CA HIS B 104 5.19 -10.98 5.77
C HIS B 104 6.33 -11.96 5.44
N MET B 105 6.10 -12.85 4.48
CA MET B 105 7.15 -13.80 4.08
C MET B 105 8.25 -13.04 3.32
N ASN B 106 7.87 -12.16 2.39
CA ASN B 106 8.84 -11.35 1.65
C ASN B 106 9.66 -10.46 2.59
N ARG B 107 9.03 -9.95 3.66
CA ARG B 107 9.71 -9.12 4.66
C ARG B 107 10.73 -9.95 5.42
N HIS B 108 10.39 -11.21 5.76
CA HIS B 108 11.31 -12.11 6.45
C HIS B 108 12.52 -12.37 5.53
N LEU B 109 12.27 -12.54 4.22
CA LEU B 109 13.34 -12.89 3.27
C LEU B 109 14.15 -11.65 2.83
N MET B 110 13.55 -10.47 2.84
CA MET B 110 14.21 -9.22 2.40
C MET B 110 13.56 -8.05 3.17
N PRO B 111 14.03 -7.77 4.40
CA PRO B 111 13.37 -6.73 5.22
C PRO B 111 13.36 -5.35 4.63
N GLU B 112 14.31 -5.02 3.75
CA GLU B 112 14.34 -3.67 3.15
C GLU B 112 13.40 -3.53 1.96
N LEU B 113 12.77 -4.63 1.52
CA LEU B 113 11.82 -4.57 0.42
C LEU B 113 10.47 -4.25 1.05
N GLU B 114 9.97 -3.03 0.85
CA GLU B 114 8.74 -2.66 1.48
C GLU B 114 7.56 -3.00 0.61
N SER B 115 6.59 -3.77 1.14
CA SER B 115 5.38 -4.05 0.37
C SER B 115 4.43 -2.86 0.44
N VAL B 116 3.87 -2.49 -0.72
N VAL B 116 3.87 -2.54 -0.72
CA VAL B 116 2.92 -1.37 -0.81
CA VAL B 116 2.95 -1.43 -0.91
C VAL B 116 1.74 -1.82 -1.64
C VAL B 116 1.72 -2.06 -1.55
N PHE B 117 0.54 -1.66 -1.09
CA PHE B 117 -0.68 -2.10 -1.75
C PHE B 117 -1.33 -0.89 -2.32
N LEU B 118 -1.81 -1.03 -3.55
CA LEU B 118 -2.51 0.03 -4.25
C LEU B 118 -3.87 -0.49 -4.55
N MET B 119 -4.84 0.40 -4.65
N MET B 119 -4.84 0.41 -4.66
CA MET B 119 -6.21 -0.01 -4.92
CA MET B 119 -6.19 -0.02 -4.96
C MET B 119 -6.59 0.33 -6.37
C MET B 119 -6.59 0.33 -6.37
N PRO B 120 -7.08 -0.63 -7.20
CA PRO B 120 -7.43 -0.28 -8.58
C PRO B 120 -8.68 0.57 -8.62
N SER B 121 -8.93 1.12 -9.79
CA SER B 121 -10.13 1.86 -10.10
C SER B 121 -11.32 0.94 -9.80
N LYS B 122 -12.48 1.55 -9.47
CA LYS B 122 -13.71 0.79 -9.27
C LYS B 122 -14.00 -0.04 -10.53
N GLU B 123 -13.64 0.51 -11.72
CA GLU B 123 -13.88 -0.16 -13.01
C GLU B 123 -13.33 -1.60 -13.06
N TRP B 124 -12.18 -1.83 -12.39
CA TRP B 124 -11.50 -3.12 -12.43
C TRP B 124 -11.51 -3.85 -11.10
N SER B 125 -12.34 -3.39 -10.16
CA SER B 125 -12.36 -3.96 -8.81
C SER B 125 -12.98 -5.33 -8.68
N PHE B 126 -13.65 -5.80 -9.74
CA PHE B 126 -14.35 -7.09 -9.70
C PHE B 126 -13.86 -8.04 -10.76
N ILE B 127 -12.68 -7.78 -11.34
CA ILE B 127 -12.16 -8.66 -12.38
C ILE B 127 -10.86 -9.29 -11.94
N SER B 128 -10.48 -10.36 -12.63
CA SER B 128 -9.23 -11.07 -12.40
C SER B 128 -8.86 -11.77 -13.68
N SER B 129 -7.58 -12.16 -13.84
CA SER B 129 -7.20 -12.92 -15.04
C SER B 129 -8.06 -14.18 -15.14
N SER B 130 -8.26 -14.89 -14.00
N SER B 130 -8.29 -14.88 -14.00
CA SER B 130 -9.05 -16.13 -13.96
CA SER B 130 -9.10 -16.12 -14.00
C SER B 130 -10.48 -15.94 -14.47
C SER B 130 -10.49 -15.90 -14.53
N LEU B 131 -11.13 -14.85 -14.03
CA LEU B 131 -12.50 -14.52 -14.45
C LEU B 131 -12.56 -14.19 -15.93
N VAL B 132 -11.61 -13.39 -16.43
CA VAL B 132 -11.59 -13.00 -17.84
C VAL B 132 -11.40 -14.25 -18.72
N LYS B 133 -10.49 -15.16 -18.30
CA LYS B 133 -10.27 -16.40 -19.08
C LYS B 133 -11.52 -17.27 -19.09
N GLU B 134 -12.25 -17.36 -17.96
CA GLU B 134 -13.47 -18.19 -17.84
C GLU B 134 -14.53 -17.67 -18.83
N VAL B 135 -14.72 -16.34 -18.85
CA VAL B 135 -15.69 -15.72 -19.77
C VAL B 135 -15.25 -15.99 -21.20
N ALA B 136 -13.97 -15.75 -21.50
CA ALA B 136 -13.47 -15.95 -22.86
C ALA B 136 -13.56 -17.40 -23.31
N ARG B 137 -13.37 -18.38 -22.40
CA ARG B 137 -13.48 -19.83 -22.72
C ARG B 137 -14.89 -20.14 -23.17
N HIS B 138 -15.86 -19.32 -22.70
CA HIS B 138 -17.27 -19.48 -23.05
C HIS B 138 -17.72 -18.50 -24.11
N GLN B 139 -16.74 -17.90 -24.81
CA GLN B 139 -16.95 -17.01 -25.96
C GLN B 139 -17.61 -15.68 -25.60
N GLY B 140 -17.54 -15.31 -24.31
CA GLY B 140 -18.08 -14.04 -23.83
C GLY B 140 -17.13 -12.90 -24.17
N ASP B 141 -17.69 -11.70 -24.42
CA ASP B 141 -16.89 -10.55 -24.82
C ASP B 141 -16.08 -9.99 -23.64
N VAL B 142 -14.74 -10.03 -23.75
CA VAL B 142 -13.87 -9.49 -22.69
C VAL B 142 -13.03 -8.33 -23.21
N THR B 143 -13.43 -7.73 -24.35
CA THR B 143 -12.67 -6.61 -24.92
C THR B 143 -12.54 -5.47 -23.91
N HIS B 144 -13.59 -5.25 -23.08
CA HIS B 144 -13.54 -4.17 -22.13
C HIS B 144 -12.44 -4.28 -21.08
N PHE B 145 -12.00 -5.51 -20.79
CA PHE B 145 -11.13 -5.78 -19.64
C PHE B 145 -9.66 -5.96 -19.94
N LEU B 146 -9.31 -6.00 -21.22
CA LEU B 146 -7.95 -6.28 -21.62
C LEU B 146 -7.39 -5.28 -22.59
N PRO B 147 -6.06 -5.06 -22.56
CA PRO B 147 -5.43 -4.26 -23.62
C PRO B 147 -5.72 -4.93 -24.95
N GLU B 148 -5.74 -4.13 -26.01
CA GLU B 148 -6.04 -4.59 -27.37
C GLU B 148 -5.19 -5.81 -27.77
N ASN B 149 -3.86 -5.74 -27.57
CA ASN B 149 -2.95 -6.80 -27.98
C ASN B 149 -3.23 -8.10 -27.23
N VAL B 150 -3.64 -7.97 -25.96
CA VAL B 150 -3.93 -9.10 -25.08
C VAL B 150 -5.23 -9.73 -25.48
N HIS B 151 -6.25 -8.91 -25.74
CA HIS B 151 -7.53 -9.44 -26.16
C HIS B 151 -7.35 -10.28 -27.45
N GLN B 152 -6.60 -9.74 -28.43
CA GLN B 152 -6.32 -10.47 -29.70
C GLN B 152 -5.63 -11.81 -29.40
N ALA B 153 -4.62 -11.80 -28.50
CA ALA B 153 -3.85 -12.99 -28.16
C ALA B 153 -4.73 -14.04 -27.49
N LEU B 154 -5.63 -13.61 -26.57
CA LEU B 154 -6.54 -14.49 -25.87
C LEU B 154 -7.55 -15.12 -26.84
N MET B 155 -8.08 -14.32 -27.78
CA MET B 155 -9.02 -14.84 -28.78
C MET B 155 -8.31 -15.88 -29.62
N ALA B 156 -7.06 -15.58 -30.04
CA ALA B 156 -6.25 -16.45 -30.89
C ALA B 156 -5.90 -17.74 -30.19
N LYS B 157 -5.51 -17.64 -28.90
CA LYS B 157 -5.14 -18.80 -28.07
C LYS B 157 -6.32 -19.74 -27.93
N LEU B 158 -7.54 -19.18 -27.73
CA LEU B 158 -8.75 -19.99 -27.57
C LEU B 158 -9.35 -20.45 -28.88
N ALA B 159 -8.93 -19.89 -30.02
CA ALA B 159 -9.48 -20.28 -31.33
C ALA B 159 -8.99 -21.64 -31.80
C1 F0V C . -16.74 6.66 6.89
C2 F0V C . -17.19 7.82 7.52
C3 F0V C . -16.35 8.89 7.78
C11 F0V C . -11.77 12.23 5.99
C12 F0V C . -11.24 12.91 7.93
C13 F0V C . -10.48 13.65 8.97
C14 F0V C . -9.66 12.71 9.84
C15 F0V C . -10.24 12.11 10.96
C16 F0V C . -9.57 11.11 11.64
C17 F0V C . -8.32 10.69 11.22
C18 F0V C . -7.72 11.30 10.13
C19 F0V C . -8.39 12.31 9.45
CL F0V C . -14.80 5.33 5.53
C6 F0V C . -15.39 6.64 6.50
C F0V C . -17.66 5.48 6.69
C5 F0V C . -14.53 7.69 6.77
C4 F0V C . -15.01 8.84 7.40
N F0V C . -14.17 9.96 7.59
C7 F0V C . -13.52 10.69 6.60
N4 F0V C . -12.54 11.60 6.94
N1 F0V C . -11.92 12.02 4.68
C9 F0V C . -12.88 11.18 4.31
C10 F0V C . -13.00 10.90 2.85
C8 F0V C . -13.71 10.52 5.23
N3 F0V C . -12.20 12.03 8.19
N2 F0V C . -10.94 13.07 6.60
S SO4 D . 7.70 -8.26 10.75
O1 SO4 D . 7.21 -9.00 11.90
O2 SO4 D . 8.64 -8.99 9.93
O3 SO4 D . 8.41 -7.12 11.30
O4 SO4 D . 6.57 -7.92 9.96
S DMS E . 13.69 8.47 0.87
O DMS E . 13.92 8.04 -0.51
C1 DMS E . 14.77 7.49 1.85
C2 DMS E . 14.58 10.00 0.99
O1 PG4 F . 10.14 -2.60 21.35
C1 PG4 F . 9.45 -1.51 20.74
C2 PG4 F . 10.10 -1.09 19.46
O2 PG4 F . 9.33 -0.09 18.82
C3 PG4 F . 9.10 -0.36 17.44
C4 PG4 F . 8.54 0.84 16.75
O3 PG4 F . 8.79 0.76 15.35
C5 PG4 F . 10.06 1.29 14.97
C6 PG4 F . 10.20 1.41 13.49
O4 PG4 F . 10.48 0.17 12.86
C7 PG4 F . 10.25 0.19 11.47
C8 PG4 F . 11.37 -0.50 10.75
O5 PG4 F . 11.34 -0.26 9.35
S SO4 G . -5.20 2.88 14.88
O1 SO4 G . -5.70 1.57 14.51
O2 SO4 G . -4.23 2.75 15.98
O3 SO4 G . -6.33 3.72 15.30
O4 SO4 G . -4.56 3.53 13.72
S SO4 H . -11.90 5.10 -9.33
O1 SO4 H . -13.11 4.44 -9.79
O2 SO4 H . -11.37 4.36 -8.23
O3 SO4 H . -12.15 6.46 -8.87
O4 SO4 H . -11.01 5.22 -10.47
S SO4 I . -15.79 -24.50 -17.68
O1 SO4 I . -15.66 -25.52 -16.64
O2 SO4 I . -17.08 -24.68 -18.33
O3 SO4 I . -15.69 -23.19 -17.06
O4 SO4 I . -14.72 -24.67 -18.66
O1 PG4 J . 5.14 -12.72 -3.83
C1 PG4 J . 4.23 -12.03 -4.69
C2 PG4 J . 3.85 -12.85 -5.88
O2 PG4 J . 5.00 -13.24 -6.62
C3 PG4 J . 4.73 -14.04 -7.77
C4 PG4 J . 5.11 -15.47 -7.55
O3 PG4 J . 6.52 -15.67 -7.39
C5 PG4 J . 6.85 -17.04 -7.16
C6 PG4 J . 8.16 -17.22 -6.43
O4 PG4 J . 8.27 -16.36 -5.30
C7 PG4 J . 8.12 -16.99 -4.05
C8 PG4 J . 7.22 -16.17 -3.17
O5 PG4 J . 7.19 -16.64 -1.84
S DMS K . -1.66 -8.57 -8.40
O DMS K . -1.04 -8.00 -7.19
C1 DMS K . -0.34 -9.12 -9.45
C2 DMS K . -2.26 -10.18 -7.93
S SO4 L . -5.23 -11.41 -10.91
O1 SO4 L . -5.02 -12.78 -11.36
O2 SO4 L . -5.94 -11.42 -9.62
O3 SO4 L . -5.97 -10.68 -11.91
O4 SO4 L . -3.93 -10.77 -10.71
#